data_2BF6
#
_entry.id   2BF6
#
_cell.length_a   96.981
_cell.length_b   69.413
_cell.length_c   72.694
_cell.angle_alpha   90.00
_cell.angle_beta   90.00
_cell.angle_gamma   90.00
#
_symmetry.space_group_name_H-M   'P 21 21 21'
#
loop_
_entity.id
_entity.type
_entity.pdbx_description
1 polymer EXO-ALPHA-SIALIDASE
2 non-polymer 'N-acetyl-alpha-neuraminic acid'
3 non-polymer 'CALCIUM ION'
4 non-polymer GLYCEROL
5 water water
#
_entity_poly.entity_id   1
_entity_poly.type   'polypeptide(L)'
_entity_poly.pdbx_seq_one_letter_code
;VEGAVKTEPVDLFHPGFLNSSNYRIPALFKTKEGTLIASIDARRHGGADAPNNDIDTAVRRSEDGGKTWDEGQIIMDYPD
KSSVIDTTLIQDDETGRIFLLVTHFPSKYGFWNAGLGSGFKNIDGKEYLCLYDSSGKEFTVRENVVYDKDSNKTEYTTNA
LGDLFKNGTKIDNINSSTAPLKAKGTSYINLVYSDDDGKTWSEPQNINFQVKKDWMKFLGIAPGRGIQIKNGEHKGRIVV
PVYYTNEKGKQSSAVIYSDDSGKNWTIGESPNDNRKLENGKIINSKTLSDDAPQLTECQVVEMPNGQLKLFMRNLSGYLN
IATSFDGGATWDETVEKDTNVLEPYCQLSVINYSQKVDGKDAVIFSNPNARSRSNGTVRIGLINQVGTYENGEPKYEFDW
KYNKLVKPGYYAYSCLTELSNGNIGLLYEGTPSEEMSYIEMNLKYLESG
;
_entity_poly.pdbx_strand_id   A
#
# COMPACT_ATOMS: atom_id res chain seq x y z
N VAL A 1 21.19 -11.68 -24.81
CA VAL A 1 20.89 -12.50 -25.96
C VAL A 1 20.12 -11.65 -26.97
N GLU A 2 20.20 -12.00 -28.25
CA GLU A 2 19.55 -11.20 -29.27
C GLU A 2 18.03 -11.08 -29.01
N GLY A 3 17.58 -9.84 -29.02
CA GLY A 3 16.14 -9.54 -28.79
C GLY A 3 15.80 -9.30 -27.35
N ALA A 4 16.72 -9.54 -26.42
CA ALA A 4 16.45 -9.27 -25.01
C ALA A 4 16.38 -7.76 -24.81
N VAL A 5 15.49 -7.38 -23.90
CA VAL A 5 15.32 -5.97 -23.56
C VAL A 5 15.49 -5.85 -22.08
N LYS A 6 16.41 -4.98 -21.66
CA LYS A 6 16.52 -4.46 -20.30
C LYS A 6 16.99 -3.03 -20.50
N THR A 7 16.08 -2.06 -20.45
CA THR A 7 16.45 -0.70 -20.75
C THR A 7 17.41 -0.14 -19.70
N GLU A 8 18.21 0.82 -20.13
CA GLU A 8 19.10 1.52 -19.21
C GLU A 8 18.24 2.30 -18.23
N PRO A 9 18.56 2.26 -16.92
CA PRO A 9 17.66 2.93 -15.97
C PRO A 9 17.49 4.40 -16.26
N VAL A 10 16.25 4.88 -16.04
CA VAL A 10 15.93 6.31 -16.04
C VAL A 10 15.55 6.72 -14.64
N ASP A 11 16.00 7.87 -14.22
CA ASP A 11 15.71 8.42 -12.89
C ASP A 11 14.35 9.09 -12.98
N LEU A 12 13.31 8.30 -12.79
CA LEU A 12 11.94 8.78 -12.91
C LEU A 12 11.59 9.84 -11.83
N PHE A 13 12.17 9.62 -10.64
CA PHE A 13 12.15 10.65 -9.59
C PHE A 13 13.61 10.82 -9.15
N HIS A 14 13.95 12.02 -8.71
CA HIS A 14 15.33 12.33 -8.37
C HIS A 14 15.36 13.65 -7.61
N PRO A 15 16.42 13.92 -6.88
CA PRO A 15 16.52 15.20 -6.19
C PRO A 15 16.30 16.35 -7.15
N GLY A 16 15.47 17.31 -6.74
CA GLY A 16 15.15 18.47 -7.55
C GLY A 16 13.88 18.34 -8.38
N PHE A 17 13.43 17.10 -8.67
CA PHE A 17 12.20 16.92 -9.42
C PHE A 17 11.06 17.44 -8.54
N LEU A 18 10.22 18.29 -9.08
CA LEU A 18 9.14 18.92 -8.30
C LEU A 18 9.67 19.62 -7.05
N ASN A 19 10.93 20.04 -7.09
CA ASN A 19 11.56 20.74 -5.99
C ASN A 19 11.55 19.90 -4.72
N SER A 20 11.64 18.57 -4.84
CA SER A 20 11.81 17.70 -3.69
C SER A 20 13.26 17.18 -3.65
N SER A 21 13.89 17.29 -2.47
CA SER A 21 15.24 16.79 -2.33
C SER A 21 15.36 15.28 -2.33
N ASN A 22 14.27 14.61 -1.90
CA ASN A 22 14.35 13.15 -1.67
C ASN A 22 13.04 12.52 -2.16
N TYR A 23 13.14 11.24 -2.42
CA TYR A 23 12.04 10.42 -2.89
C TYR A 23 12.20 9.02 -2.34
N ARG A 24 11.06 8.38 -2.03
CA ARG A 24 11.03 6.96 -1.66
C ARG A 24 9.67 6.39 -1.95
N ILE A 25 9.62 5.07 -1.99
CA ILE A 25 8.37 4.27 -1.91
C ILE A 25 7.61 4.23 -3.24
N PRO A 26 8.11 3.48 -4.20
CA PRO A 26 7.50 3.48 -5.53
C PRO A 26 6.21 2.68 -5.64
N ALA A 27 5.33 3.18 -6.50
CA ALA A 27 4.13 2.48 -6.93
C ALA A 27 4.03 2.69 -8.44
N LEU A 28 3.64 1.64 -9.17
CA LEU A 28 3.62 1.66 -10.62
C LEU A 28 2.46 0.81 -11.13
N PHE A 29 1.69 1.34 -12.06
CA PHE A 29 0.48 0.72 -12.49
C PHE A 29 0.16 1.12 -13.94
N LYS A 30 -0.28 0.15 -14.73
CA LYS A 30 -0.77 0.40 -16.09
C LYS A 30 -2.30 0.44 -16.08
N THR A 31 -2.89 1.54 -16.52
CA THR A 31 -4.33 1.71 -16.54
C THR A 31 -4.93 0.92 -17.72
N LYS A 32 -6.23 0.85 -17.70
CA LYS A 32 -6.94 0.08 -18.77
C LYS A 32 -6.71 0.78 -20.12
N GLU A 33 -6.45 2.08 -20.12
CA GLU A 33 -6.14 2.79 -21.36
C GLU A 33 -4.73 2.56 -21.84
N GLY A 34 -3.91 1.96 -21.00
CA GLY A 34 -2.49 1.76 -21.38
C GLY A 34 -1.54 2.75 -20.79
N THR A 35 -2.01 3.71 -20.01
CA THR A 35 -1.15 4.72 -19.41
C THR A 35 -0.41 4.13 -18.23
N LEU A 36 0.86 4.49 -18.05
CA LEU A 36 1.55 4.16 -16.83
C LEU A 36 1.41 5.33 -15.85
N ILE A 37 1.05 4.96 -14.61
CA ILE A 37 1.02 5.89 -13.50
C ILE A 37 2.09 5.44 -12.52
N ALA A 38 2.98 6.35 -12.15
CA ALA A 38 3.98 6.13 -11.13
C ALA A 38 3.70 7.12 -10.00
N SER A 39 3.55 6.59 -8.77
CA SER A 39 3.44 7.45 -7.60
C SER A 39 4.60 7.15 -6.65
N ILE A 40 4.81 8.10 -5.74
CA ILE A 40 6.01 8.13 -4.95
C ILE A 40 5.79 9.09 -3.80
N ASP A 41 6.57 8.93 -2.74
CA ASP A 41 6.68 9.91 -1.68
C ASP A 41 7.74 10.96 -2.09
N ALA A 42 7.34 12.22 -2.15
CA ALA A 42 8.22 13.38 -2.28
C ALA A 42 8.58 13.80 -0.85
N ARG A 43 9.75 13.32 -0.39
CA ARG A 43 10.17 13.50 0.99
C ARG A 43 11.04 14.77 1.03
N ARG A 44 10.50 15.82 1.64
CA ARG A 44 11.04 17.15 1.44
C ARG A 44 12.25 17.49 2.29
N HIS A 45 12.47 16.78 3.37
CA HIS A 45 13.52 17.12 4.32
C HIS A 45 14.42 15.95 4.55
N GLY A 46 14.79 15.18 3.59
CA GLY A 46 15.64 14.02 3.72
C GLY A 46 14.81 12.76 3.48
N GLY A 47 15.40 11.62 3.70
CA GLY A 47 14.78 10.33 3.47
C GLY A 47 13.98 9.75 4.58
N ALA A 48 14.02 10.35 5.79
CA ALA A 48 13.42 9.71 6.96
C ALA A 48 11.92 9.55 6.85
N ASP A 49 11.41 8.53 7.54
CA ASP A 49 9.97 8.35 7.68
C ASP A 49 9.37 9.41 8.56
N ALA A 50 8.05 9.56 8.42
CA ALA A 50 7.26 10.29 9.39
C ALA A 50 7.54 9.75 10.78
N PRO A 51 7.65 10.57 11.81
CA PRO A 51 7.30 11.99 11.84
C PRO A 51 8.48 12.93 11.51
N ASN A 52 9.64 12.41 11.15
CA ASN A 52 10.84 13.23 10.98
C ASN A 52 10.95 13.74 9.53
N ASN A 53 9.89 14.28 9.03
CA ASN A 53 9.90 14.77 7.63
C ASN A 53 8.64 15.55 7.38
N ASP A 54 8.51 15.98 6.14
CA ASP A 54 7.28 16.58 5.57
C ASP A 54 7.19 15.95 4.19
N ILE A 55 6.25 15.04 4.01
CA ILE A 55 6.18 14.18 2.85
C ILE A 55 4.88 14.44 2.11
N ASP A 56 4.99 14.64 0.79
CA ASP A 56 3.88 14.84 -0.13
C ASP A 56 3.79 13.67 -1.10
N THR A 57 2.66 13.48 -1.76
CA THR A 57 2.51 12.45 -2.76
C THR A 57 2.66 13.05 -4.15
N ALA A 58 3.58 12.47 -4.96
CA ALA A 58 3.79 12.89 -6.34
C ALA A 58 3.40 11.78 -7.30
N VAL A 59 2.99 12.20 -8.51
CA VAL A 59 2.57 11.30 -9.57
C VAL A 59 3.18 11.74 -10.89
N ARG A 60 3.68 10.79 -11.67
CA ARG A 60 4.00 11.01 -13.09
C ARG A 60 3.21 10.03 -13.95
N ARG A 61 2.93 10.44 -15.17
CA ARG A 61 2.21 9.64 -16.14
C ARG A 61 3.03 9.46 -17.42
N SER A 62 2.82 8.31 -18.06
CA SER A 62 3.34 8.06 -19.40
C SER A 62 2.24 7.50 -20.28
N GLU A 63 1.92 8.17 -21.35
CA GLU A 63 0.90 7.68 -22.29
C GLU A 63 1.54 6.86 -23.41
N ASP A 64 2.85 6.69 -23.47
CA ASP A 64 3.51 5.94 -24.56
C ASP A 64 4.25 4.68 -24.07
N GLY A 65 3.75 4.09 -23.05
CA GLY A 65 4.26 2.81 -22.61
C GLY A 65 5.54 2.97 -21.82
N GLY A 66 5.84 4.11 -21.21
CA GLY A 66 7.00 4.29 -20.40
C GLY A 66 8.18 4.87 -21.10
N LYS A 67 8.04 5.21 -22.37
CA LYS A 67 9.13 5.81 -23.12
C LYS A 67 9.36 7.25 -22.73
N THR A 68 8.31 8.00 -22.47
CA THR A 68 8.42 9.39 -22.04
C THR A 68 7.39 9.64 -20.96
N TRP A 69 7.72 10.54 -20.07
CA TRP A 69 6.91 10.81 -18.86
C TRP A 69 6.62 12.31 -18.79
N ASP A 70 5.50 12.63 -18.15
CA ASP A 70 5.05 14.01 -17.99
C ASP A 70 5.85 14.72 -16.91
N GLU A 71 5.47 16.00 -16.67
CA GLU A 71 6.20 16.82 -15.74
C GLU A 71 5.87 16.59 -14.27
N GLY A 72 4.97 15.65 -14.00
CA GLY A 72 4.62 15.35 -12.62
C GLY A 72 3.68 16.32 -11.99
N GLN A 73 3.09 15.90 -10.88
CA GLN A 73 2.27 16.77 -10.05
C GLN A 73 2.30 16.24 -8.62
N ILE A 74 2.11 17.16 -7.68
CA ILE A 74 1.84 16.85 -6.28
C ILE A 74 0.35 16.77 -6.10
N ILE A 75 -0.14 15.65 -5.58
CA ILE A 75 -1.58 15.44 -5.41
C ILE A 75 -2.06 15.48 -4.00
N MET A 76 -1.18 15.38 -3.00
CA MET A 76 -1.54 15.57 -1.62
C MET A 76 -0.34 16.22 -0.92
N ASP A 77 -0.59 17.30 -0.18
CA ASP A 77 0.44 18.06 0.51
C ASP A 77 -0.21 18.70 1.73
N TYR A 78 0.12 18.21 2.92
CA TYR A 78 -0.32 18.76 4.17
C TYR A 78 0.77 19.66 4.76
N PRO A 79 0.38 20.62 5.60
CA PRO A 79 1.37 21.54 6.11
C PRO A 79 2.14 21.04 7.34
N ASP A 80 3.24 21.73 7.61
CA ASP A 80 3.84 21.71 8.95
C ASP A 80 4.17 20.31 9.42
N LYS A 81 4.81 19.50 8.55
CA LYS A 81 5.32 18.20 8.91
C LYS A 81 4.22 17.17 9.17
N SER A 82 3.00 17.43 8.71
CA SER A 82 2.01 16.38 8.49
C SER A 82 2.35 15.70 7.18
N SER A 83 2.40 14.38 7.15
CA SER A 83 2.89 13.64 6.01
C SER A 83 1.88 12.65 5.47
N VAL A 84 1.94 12.44 4.16
CA VAL A 84 1.35 11.29 3.49
C VAL A 84 2.49 10.40 3.05
N ILE A 85 2.42 9.14 3.40
CA ILE A 85 3.51 8.17 3.24
C ILE A 85 2.93 6.84 2.82
N ASP A 86 3.54 6.23 1.81
CA ASP A 86 3.28 4.87 1.35
C ASP A 86 2.03 4.76 0.49
N THR A 87 2.21 4.94 -0.82
CA THR A 87 1.09 4.94 -1.74
C THR A 87 0.87 3.54 -2.37
N THR A 88 -0.34 3.36 -2.87
CA THR A 88 -0.75 2.18 -3.61
C THR A 88 -1.74 2.57 -4.69
N LEU A 89 -1.67 1.88 -5.82
CA LEU A 89 -2.51 2.15 -7.00
C LEU A 89 -3.36 0.94 -7.36
N ILE A 90 -4.60 1.19 -7.76
CA ILE A 90 -5.48 0.17 -8.30
C ILE A 90 -6.54 0.87 -9.16
N GLN A 91 -7.31 0.13 -9.93
CA GLN A 91 -8.32 0.66 -10.82
C GLN A 91 -9.53 -0.25 -10.75
N ASP A 92 -10.71 0.31 -10.92
CA ASP A 92 -11.95 -0.44 -11.17
C ASP A 92 -12.16 -0.55 -12.67
N ASP A 93 -12.04 -1.77 -13.18
CA ASP A 93 -12.15 -1.94 -14.63
C ASP A 93 -13.56 -1.63 -15.12
N GLU A 94 -14.59 -1.76 -14.31
CA GLU A 94 -15.91 -1.55 -14.82
C GLU A 94 -16.21 -0.05 -14.96
N THR A 95 -15.77 0.82 -14.05
CA THR A 95 -16.00 2.25 -14.16
C THR A 95 -14.85 3.03 -14.76
N GLY A 96 -13.65 2.47 -14.84
CA GLY A 96 -12.48 3.18 -15.27
C GLY A 96 -11.83 4.06 -14.22
N ARG A 97 -12.34 4.09 -13.02
CA ARG A 97 -11.81 4.93 -11.95
C ARG A 97 -10.52 4.36 -11.44
N ILE A 98 -9.50 5.19 -11.31
CA ILE A 98 -8.22 4.85 -10.70
C ILE A 98 -8.20 5.35 -9.28
N PHE A 99 -7.72 4.53 -8.37
CA PHE A 99 -7.61 4.85 -6.96
C PHE A 99 -6.12 4.91 -6.56
N LEU A 100 -5.83 5.85 -5.69
CA LEU A 100 -4.57 5.90 -4.99
C LEU A 100 -4.91 6.02 -3.51
N LEU A 101 -4.32 5.18 -2.69
CA LEU A 101 -4.49 5.25 -1.25
C LEU A 101 -3.10 5.48 -0.63
N VAL A 102 -3.10 6.11 0.56
CA VAL A 102 -1.87 6.47 1.23
C VAL A 102 -2.16 6.57 2.72
N THR A 103 -1.11 6.39 3.54
CA THR A 103 -1.23 6.60 4.96
C THR A 103 -0.97 8.08 5.26
N HIS A 104 -1.74 8.65 6.19
CA HIS A 104 -1.61 10.06 6.55
C HIS A 104 -1.45 10.18 8.05
N PHE A 105 -0.50 11.02 8.48
CA PHE A 105 -0.32 11.37 9.88
C PHE A 105 -0.37 12.88 10.06
N PRO A 106 -1.02 13.33 11.14
CA PRO A 106 -0.84 14.70 11.59
C PRO A 106 0.63 14.97 11.96
N SER A 107 0.98 16.24 12.04
CA SER A 107 2.28 16.67 12.49
C SER A 107 2.63 15.99 13.83
N LYS A 108 3.87 15.48 13.91
CA LYS A 108 4.47 14.83 15.06
C LYS A 108 4.23 13.33 15.16
N TYR A 109 3.41 12.76 14.28
CA TYR A 109 3.04 11.34 14.39
C TYR A 109 3.57 10.52 13.24
N GLY A 110 3.79 9.24 13.52
CA GLY A 110 4.23 8.24 12.58
C GLY A 110 3.98 6.86 13.11
N PHE A 111 4.60 5.87 12.46
CA PHE A 111 4.40 4.47 12.77
C PHE A 111 4.55 4.19 14.26
N TRP A 112 5.61 4.73 14.87
CA TRP A 112 6.00 4.28 16.19
C TRP A 112 5.13 4.86 17.30
N ASN A 113 4.59 6.08 17.08
CA ASN A 113 3.87 6.76 18.13
C ASN A 113 2.38 6.97 17.81
N ALA A 114 1.82 6.29 16.86
CA ALA A 114 0.40 6.42 16.53
C ALA A 114 -0.45 6.07 17.71
N GLY A 115 -1.45 6.90 17.98
CA GLY A 115 -2.41 6.64 19.00
C GLY A 115 -3.42 5.56 18.65
N LEU A 116 -4.09 4.98 19.67
CA LEU A 116 -5.06 3.95 19.46
C LEU A 116 -6.32 4.40 18.71
N GLY A 117 -6.77 3.56 17.81
CA GLY A 117 -8.10 3.68 17.23
C GLY A 117 -8.18 4.58 16.01
N SER A 118 -9.41 4.76 15.59
CA SER A 118 -9.71 5.37 14.30
C SER A 118 -9.64 6.89 14.29
N GLY A 119 -9.75 7.55 15.42
CA GLY A 119 -9.88 8.97 15.47
C GLY A 119 -11.31 9.48 15.23
N PHE A 120 -12.27 8.57 15.11
CA PHE A 120 -13.67 8.88 14.91
C PHE A 120 -14.50 8.45 16.11
N LYS A 121 -15.63 9.11 16.31
CA LYS A 121 -16.58 8.84 17.36
C LYS A 121 -17.97 8.62 16.74
N ASN A 122 -18.68 7.60 17.23
CA ASN A 122 -20.05 7.37 16.81
C ASN A 122 -21.02 8.24 17.58
N ILE A 123 -21.76 9.10 16.92
CA ILE A 123 -22.83 9.85 17.50
C ILE A 123 -24.10 9.47 16.74
N ASP A 124 -24.99 8.82 17.47
CA ASP A 124 -26.29 8.42 17.00
C ASP A 124 -26.23 7.71 15.67
N GLY A 125 -25.24 6.87 15.50
CA GLY A 125 -25.18 5.93 14.41
C GLY A 125 -24.41 6.39 13.20
N LYS A 126 -23.68 7.50 13.31
CA LYS A 126 -22.75 7.93 12.28
C LYS A 126 -21.42 8.25 12.93
N GLU A 127 -20.36 7.96 12.17
CA GLU A 127 -19.00 8.18 12.62
C GLU A 127 -18.54 9.58 12.22
N TYR A 128 -17.96 10.31 13.19
CA TYR A 128 -17.50 11.68 12.99
C TYR A 128 -16.07 11.82 13.46
N LEU A 129 -15.24 12.51 12.69
CA LEU A 129 -13.88 12.78 13.08
C LEU A 129 -13.88 13.60 14.36
N CYS A 130 -13.04 13.22 15.32
CA CYS A 130 -12.86 14.00 16.55
C CYS A 130 -11.81 15.07 16.37
N LEU A 131 -12.02 16.18 17.06
CA LEU A 131 -10.98 17.22 17.20
C LEU A 131 -10.80 17.49 18.69
N TYR A 132 -9.64 17.97 19.04
CA TYR A 132 -9.30 18.22 20.46
C TYR A 132 -8.76 19.62 20.60
N ASP A 133 -9.13 20.30 21.64
CA ASP A 133 -8.60 21.61 21.98
C ASP A 133 -7.44 21.45 22.96
N SER A 134 -6.91 22.63 23.35
CA SER A 134 -5.72 22.64 24.19
C SER A 134 -5.92 21.96 25.57
N SER A 135 -7.14 21.95 26.00
CA SER A 135 -7.40 21.33 27.31
C SER A 135 -7.80 19.86 27.18
N GLY A 136 -7.84 19.31 25.96
CA GLY A 136 -8.30 17.96 25.74
C GLY A 136 -9.77 17.77 25.55
N LYS A 137 -10.52 18.85 25.50
CA LYS A 137 -11.94 18.74 25.22
C LYS A 137 -12.13 18.18 23.80
N GLU A 138 -13.14 17.34 23.64
CA GLU A 138 -13.43 16.61 22.39
C GLU A 138 -14.58 17.27 21.67
N PHE A 139 -14.39 17.49 20.40
CA PHE A 139 -15.34 18.02 19.45
C PHE A 139 -15.52 16.97 18.36
N THR A 140 -16.60 17.11 17.59
CA THR A 140 -16.82 16.24 16.42
C THR A 140 -17.06 17.09 15.18
N VAL A 141 -16.65 16.53 14.04
CA VAL A 141 -16.90 17.18 12.74
C VAL A 141 -18.04 16.46 12.07
N ARG A 142 -19.16 17.17 11.90
CA ARG A 142 -20.38 16.59 11.36
C ARG A 142 -20.68 17.34 10.05
N GLU A 143 -20.53 16.67 8.91
CA GLU A 143 -20.69 17.31 7.61
C GLU A 143 -19.87 18.61 7.58
N ASN A 144 -18.63 18.52 8.03
CA ASN A 144 -17.65 19.60 7.98
C ASN A 144 -17.95 20.77 8.89
N VAL A 145 -18.91 20.59 9.84
CA VAL A 145 -19.20 21.58 10.85
C VAL A 145 -18.77 21.03 12.21
N VAL A 146 -18.04 21.84 12.97
CA VAL A 146 -17.50 21.37 14.25
C VAL A 146 -18.55 21.62 15.36
N TYR A 147 -18.85 20.54 16.07
CA TYR A 147 -19.74 20.54 17.23
C TYR A 147 -18.96 20.26 18.50
N ASP A 148 -19.35 20.93 19.60
CA ASP A 148 -18.75 20.65 20.87
C ASP A 148 -19.31 19.39 21.52
N LYS A 149 -18.83 19.10 22.71
CA LYS A 149 -19.19 17.80 23.29
C LYS A 149 -20.68 17.73 23.68
N ASP A 150 -21.27 18.92 23.82
CA ASP A 150 -22.70 19.07 24.14
C ASP A 150 -23.59 19.15 22.89
N SER A 151 -22.99 18.89 21.72
CA SER A 151 -23.70 18.88 20.43
C SER A 151 -24.20 20.27 20.06
N ASN A 152 -23.47 21.31 20.50
CA ASN A 152 -23.71 22.68 20.10
C ASN A 152 -22.77 23.01 18.93
N LYS A 153 -23.32 23.65 17.91
CA LYS A 153 -22.48 24.10 16.78
C LYS A 153 -21.51 25.14 17.25
N THR A 154 -20.27 25.07 16.82
CA THR A 154 -19.28 26.06 17.05
C THR A 154 -19.18 26.98 15.86
N GLU A 155 -18.20 27.88 15.91
CA GLU A 155 -17.82 28.78 14.80
C GLU A 155 -16.89 28.13 13.78
N TYR A 156 -16.51 26.87 14.00
CA TYR A 156 -15.51 26.22 13.16
C TYR A 156 -16.14 25.28 12.17
N THR A 157 -15.48 25.20 10.99
CA THR A 157 -15.73 24.22 9.96
C THR A 157 -14.40 23.71 9.46
N THR A 158 -14.46 22.60 8.71
CA THR A 158 -13.27 22.03 8.10
C THR A 158 -13.54 21.78 6.61
N ASN A 159 -12.49 21.38 5.90
CA ASN A 159 -12.65 20.78 4.59
C ASN A 159 -11.92 19.41 4.57
N ALA A 160 -12.01 18.76 3.41
CA ALA A 160 -11.45 17.44 3.26
C ALA A 160 -9.95 17.38 3.47
N LEU A 161 -9.24 18.47 3.26
CA LEU A 161 -7.80 18.55 3.49
C LEU A 161 -7.44 18.95 4.92
N GLY A 162 -8.44 19.15 5.76
CA GLY A 162 -8.18 19.50 7.14
C GLY A 162 -8.02 20.96 7.43
N ASP A 163 -8.25 21.82 6.45
CA ASP A 163 -8.22 23.23 6.75
C ASP A 163 -9.30 23.54 7.78
N LEU A 164 -8.97 24.48 8.68
CA LEU A 164 -9.82 24.85 9.78
C LEU A 164 -10.24 26.30 9.57
N PHE A 165 -11.56 26.52 9.49
CA PHE A 165 -12.14 27.83 9.20
C PHE A 165 -12.91 28.34 10.41
N LYS A 166 -12.70 29.57 10.79
CA LYS A 166 -13.47 30.25 11.83
C LYS A 166 -14.38 31.21 11.12
N ASN A 167 -15.70 31.01 11.20
CA ASN A 167 -16.65 31.83 10.47
C ASN A 167 -16.27 31.97 9.00
N GLY A 168 -15.84 30.91 8.38
CA GLY A 168 -15.55 30.96 6.94
C GLY A 168 -14.16 31.45 6.58
N THR A 169 -13.32 31.84 7.53
CA THR A 169 -11.98 32.33 7.27
C THR A 169 -10.97 31.28 7.71
N LYS A 170 -10.06 30.85 6.81
CA LYS A 170 -9.10 29.84 7.19
C LYS A 170 -8.16 30.42 8.25
N ILE A 171 -7.97 29.67 9.34
CA ILE A 171 -7.05 30.07 10.37
C ILE A 171 -5.89 29.10 10.57
N ASP A 172 -6.04 27.83 10.19
CA ASP A 172 -5.01 26.82 10.42
C ASP A 172 -5.47 25.55 9.73
N ASN A 173 -4.91 24.44 10.08
CA ASN A 173 -5.22 23.13 9.55
C ASN A 173 -5.11 22.14 10.69
N ILE A 174 -6.09 21.25 10.84
CA ILE A 174 -6.19 20.36 11.99
C ILE A 174 -5.07 19.36 12.07
N ASN A 175 -4.22 19.25 11.05
CA ASN A 175 -3.06 18.40 11.01
C ASN A 175 -1.79 19.10 11.43
N SER A 176 -1.83 20.39 11.70
CA SER A 176 -0.61 21.14 11.99
C SER A 176 -0.28 21.07 13.48
N SER A 177 0.89 21.60 13.83
CA SER A 177 1.32 21.68 15.23
C SER A 177 0.74 22.86 15.99
N THR A 178 0.03 23.78 15.29
CA THR A 178 -0.43 25.02 15.90
C THR A 178 -1.91 25.19 15.93
N ALA A 179 -2.72 24.29 15.34
CA ALA A 179 -4.12 24.58 15.22
C ALA A 179 -4.82 24.56 16.57
N PRO A 180 -5.83 25.41 16.77
CA PRO A 180 -6.57 25.37 18.07
C PRO A 180 -7.41 24.14 18.25
N LEU A 181 -7.74 23.46 17.15
CA LEU A 181 -8.42 22.17 17.16
C LEU A 181 -7.61 21.24 16.29
N LYS A 182 -7.26 20.08 16.82
CA LYS A 182 -6.39 19.12 16.15
C LYS A 182 -7.05 17.75 16.08
N ALA A 183 -6.83 17.03 14.98
CA ALA A 183 -7.21 15.63 14.90
C ALA A 183 -6.37 14.81 15.87
N LYS A 184 -6.86 13.64 16.23
CA LYS A 184 -6.06 12.72 17.04
C LYS A 184 -4.77 12.37 16.34
N GLY A 185 -3.68 12.31 17.07
CA GLY A 185 -2.38 11.92 16.51
C GLY A 185 -2.31 10.45 16.32
N THR A 186 -2.61 10.00 15.13
CA THR A 186 -2.58 8.59 14.76
C THR A 186 -2.52 8.51 13.23
N SER A 187 -2.46 7.28 12.73
CA SER A 187 -2.53 7.03 11.29
C SER A 187 -3.98 7.14 10.84
N TYR A 188 -4.11 7.61 9.59
CA TYR A 188 -5.35 7.61 8.84
C TYR A 188 -5.11 7.07 7.45
N ILE A 189 -6.06 6.33 6.90
CA ILE A 189 -5.99 5.89 5.50
C ILE A 189 -6.76 6.90 4.65
N ASN A 190 -6.05 7.49 3.69
CA ASN A 190 -6.61 8.41 2.70
C ASN A 190 -6.80 7.69 1.37
N LEU A 191 -7.88 8.09 0.67
CA LEU A 191 -8.22 7.60 -0.64
C LEU A 191 -8.47 8.79 -1.57
N VAL A 192 -7.83 8.77 -2.73
CA VAL A 192 -8.16 9.72 -3.82
C VAL A 192 -8.44 8.89 -5.08
N TYR A 193 -9.08 9.52 -6.05
CA TYR A 193 -9.41 8.84 -7.29
C TYR A 193 -9.28 9.80 -8.46
N SER A 194 -9.17 9.17 -9.62
CA SER A 194 -9.13 9.87 -10.92
C SER A 194 -10.06 9.20 -11.90
N ASP A 195 -10.85 10.02 -12.62
CA ASP A 195 -11.72 9.55 -13.67
C ASP A 195 -11.23 9.94 -15.05
N ASP A 196 -10.04 10.52 -15.14
CA ASP A 196 -9.49 10.99 -16.42
C ASP A 196 -8.10 10.42 -16.62
N ASP A 197 -7.94 9.16 -16.24
CA ASP A 197 -6.75 8.42 -16.55
C ASP A 197 -5.51 8.99 -15.83
N GLY A 198 -5.72 9.50 -14.62
CA GLY A 198 -4.68 10.00 -13.80
C GLY A 198 -4.29 11.45 -14.00
N LYS A 199 -4.97 12.16 -14.91
CA LYS A 199 -4.62 13.56 -15.12
C LYS A 199 -4.98 14.43 -13.91
N THR A 200 -6.16 14.21 -13.34
CA THR A 200 -6.60 14.97 -12.18
C THR A 200 -7.12 14.00 -11.15
N TRP A 201 -7.04 14.42 -9.90
CA TRP A 201 -7.36 13.60 -8.74
C TRP A 201 -8.25 14.34 -7.78
N SER A 202 -9.10 13.58 -7.08
CA SER A 202 -9.97 14.11 -6.06
C SER A 202 -9.17 14.53 -4.81
N GLU A 203 -9.87 15.24 -3.92
CA GLU A 203 -9.33 15.48 -2.60
C GLU A 203 -9.53 14.22 -1.75
N PRO A 204 -8.70 14.01 -0.75
CA PRO A 204 -8.76 12.76 -0.03
C PRO A 204 -10.03 12.57 0.79
N GLN A 205 -10.44 11.33 0.79
CA GLN A 205 -11.40 10.77 1.73
C GLN A 205 -10.64 10.05 2.84
N ASN A 206 -11.06 10.24 4.07
CA ASN A 206 -10.49 9.57 5.23
C ASN A 206 -11.38 8.38 5.56
N ILE A 207 -10.91 7.17 5.26
CA ILE A 207 -11.71 5.96 5.39
C ILE A 207 -11.42 5.22 6.71
N ASN A 208 -10.72 5.86 7.64
CA ASN A 208 -10.41 5.20 8.90
C ASN A 208 -11.65 4.69 9.59
N PHE A 209 -12.77 5.44 9.48
CA PHE A 209 -14.01 5.08 10.20
C PHE A 209 -14.54 3.73 9.73
N GLN A 210 -14.16 3.26 8.57
CA GLN A 210 -14.60 1.96 8.08
C GLN A 210 -13.58 0.85 8.30
N VAL A 211 -12.29 1.14 8.27
CA VAL A 211 -11.28 0.09 8.22
C VAL A 211 -10.43 -0.05 9.46
N LYS A 212 -10.40 0.95 10.37
CA LYS A 212 -9.49 0.89 11.49
C LYS A 212 -10.27 0.56 12.76
N LYS A 213 -9.85 -0.49 13.43
CA LYS A 213 -10.49 -0.97 14.66
C LYS A 213 -9.96 -0.21 15.87
N ASP A 214 -10.70 -0.30 16.98
CA ASP A 214 -10.40 0.47 18.18
C ASP A 214 -9.11 0.01 18.85
N TRP A 215 -8.65 -1.20 18.57
CA TRP A 215 -7.47 -1.80 19.18
C TRP A 215 -6.22 -1.69 18.29
N MET A 216 -6.35 -1.09 17.09
CA MET A 216 -5.23 -0.87 16.24
C MET A 216 -4.56 0.49 16.55
N LYS A 217 -3.26 0.50 16.59
CA LYS A 217 -2.46 1.74 16.82
C LYS A 217 -2.10 2.33 15.46
N PHE A 218 -1.20 1.67 14.76
CA PHE A 218 -0.94 2.02 13.35
C PHE A 218 -1.78 1.14 12.45
N LEU A 219 -2.33 1.73 11.41
CA LEU A 219 -2.90 0.99 10.28
C LEU A 219 -2.47 1.76 9.04
N GLY A 220 -1.69 1.09 8.16
CA GLY A 220 -1.16 1.77 7.01
C GLY A 220 -1.32 0.96 5.73
N ILE A 221 -1.29 1.71 4.63
CA ILE A 221 -1.14 1.10 3.30
C ILE A 221 0.17 0.37 3.24
N ALA A 222 0.15 -0.84 2.63
CA ALA A 222 1.36 -1.55 2.29
C ALA A 222 1.70 -1.17 0.84
N PRO A 223 2.76 -0.39 0.61
CA PRO A 223 2.88 0.32 -0.64
C PRO A 223 3.13 -0.59 -1.83
N GLY A 224 2.65 -0.09 -2.99
CA GLY A 224 2.80 -0.75 -4.28
C GLY A 224 1.48 -0.66 -5.04
N ARG A 225 0.77 -1.79 -5.11
CA ARG A 225 -0.46 -1.85 -5.86
C ARG A 225 -1.45 -2.74 -5.16
N GLY A 226 -2.71 -2.63 -5.63
CA GLY A 226 -3.75 -3.56 -5.27
C GLY A 226 -4.13 -4.45 -6.45
N ILE A 227 -5.25 -5.17 -6.28
CA ILE A 227 -5.82 -5.96 -7.37
C ILE A 227 -7.32 -5.74 -7.41
N GLN A 228 -7.92 -6.10 -8.54
CA GLN A 228 -9.36 -6.29 -8.66
C GLN A 228 -9.56 -7.76 -9.02
N ILE A 229 -10.35 -8.47 -8.21
CA ILE A 229 -10.51 -9.91 -8.43
C ILE A 229 -11.20 -10.16 -9.78
N LYS A 230 -10.65 -11.08 -10.54
CA LYS A 230 -11.13 -11.39 -11.88
C LYS A 230 -12.03 -12.61 -11.94
N ASN A 231 -11.88 -13.57 -11.06
CA ASN A 231 -12.55 -14.86 -11.13
C ASN A 231 -13.35 -15.14 -9.90
N GLY A 232 -14.50 -15.77 -10.13
CA GLY A 232 -15.23 -16.40 -9.00
C GLY A 232 -16.20 -15.47 -8.35
N GLU A 233 -16.56 -15.90 -7.12
CA GLU A 233 -17.67 -15.32 -6.36
C GLU A 233 -17.44 -13.88 -5.93
N HIS A 234 -16.18 -13.48 -5.88
CA HIS A 234 -15.82 -12.13 -5.47
C HIS A 234 -15.30 -11.28 -6.65
N LYS A 235 -15.59 -11.70 -7.88
CA LYS A 235 -15.21 -10.93 -9.05
C LYS A 235 -15.65 -9.47 -8.87
N GLY A 236 -14.73 -8.55 -9.16
CA GLY A 236 -14.99 -7.15 -9.07
C GLY A 236 -14.52 -6.50 -7.77
N ARG A 237 -14.26 -7.32 -6.75
CA ARG A 237 -13.81 -6.78 -5.47
C ARG A 237 -12.44 -6.13 -5.66
N ILE A 238 -12.28 -4.94 -5.14
CA ILE A 238 -11.01 -4.19 -5.14
C ILE A 238 -10.32 -4.50 -3.83
N VAL A 239 -9.08 -4.99 -3.91
CA VAL A 239 -8.33 -5.48 -2.76
C VAL A 239 -7.06 -4.67 -2.63
N VAL A 240 -6.83 -4.11 -1.43
CA VAL A 240 -5.70 -3.23 -1.14
C VAL A 240 -4.96 -3.73 0.07
N PRO A 241 -3.72 -4.20 -0.09
CA PRO A 241 -2.91 -4.63 1.05
C PRO A 241 -2.64 -3.51 2.06
N VAL A 242 -2.67 -3.89 3.34
CA VAL A 242 -2.41 -3.04 4.45
C VAL A 242 -1.66 -3.81 5.53
N TYR A 243 -1.27 -3.13 6.61
CA TYR A 243 -0.77 -3.81 7.80
C TYR A 243 -1.02 -2.91 8.98
N TYR A 244 -1.05 -3.48 10.17
CA TYR A 244 -1.38 -2.71 11.39
C TYR A 244 -0.60 -3.23 12.56
N THR A 245 -0.55 -2.39 13.61
CA THR A 245 -0.05 -2.81 14.90
C THR A 245 -1.22 -2.87 15.89
N ASN A 246 -1.06 -3.80 16.83
CA ASN A 246 -1.96 -3.90 17.99
C ASN A 246 -1.44 -3.04 19.10
N GLU A 247 -2.13 -3.12 20.26
CA GLU A 247 -1.85 -2.29 21.40
C GLU A 247 -0.41 -2.58 21.91
N LYS A 248 0.13 -3.78 21.69
CA LYS A 248 1.49 -4.12 22.05
C LYS A 248 2.52 -3.75 21.00
N GLY A 249 2.09 -3.13 19.91
CA GLY A 249 3.02 -2.71 18.91
C GLY A 249 3.41 -3.75 17.88
N LYS A 250 2.79 -4.93 17.90
CA LYS A 250 3.20 -6.00 17.00
C LYS A 250 2.38 -5.92 15.72
N GLN A 251 3.08 -6.18 14.61
CA GLN A 251 2.56 -5.99 13.25
C GLN A 251 1.95 -7.24 12.65
N SER A 252 0.80 -7.02 11.97
CA SER A 252 0.10 -8.04 11.22
C SER A 252 -0.45 -7.46 9.90
N SER A 253 -0.32 -8.26 8.83
CA SER A 253 -0.81 -7.89 7.51
C SER A 253 -2.31 -8.14 7.39
N ALA A 254 -2.94 -7.48 6.41
CA ALA A 254 -4.32 -7.78 6.06
C ALA A 254 -4.57 -7.15 4.68
N VAL A 255 -5.82 -7.25 4.20
CA VAL A 255 -6.26 -6.43 3.09
C VAL A 255 -7.52 -5.67 3.49
N ILE A 256 -7.67 -4.47 2.92
CA ILE A 256 -8.97 -3.82 2.91
C ILE A 256 -9.54 -4.04 1.52
N TYR A 257 -10.88 -4.00 1.43
CA TYR A 257 -11.50 -4.27 0.16
C TYR A 257 -12.84 -3.55 0.04
N SER A 258 -13.25 -3.41 -1.23
CA SER A 258 -14.50 -2.76 -1.59
C SER A 258 -15.23 -3.58 -2.64
N ASP A 259 -16.51 -3.84 -2.42
CA ASP A 259 -17.39 -4.53 -3.34
C ASP A 259 -18.26 -3.57 -4.13
N ASP A 260 -18.12 -2.26 -3.92
CA ASP A 260 -18.97 -1.27 -4.59
C ASP A 260 -18.16 -0.17 -5.19
N SER A 261 -17.09 -0.59 -5.91
CA SER A 261 -16.37 0.33 -6.79
C SER A 261 -15.71 1.44 -5.96
N GLY A 262 -15.32 1.12 -4.71
CA GLY A 262 -14.59 2.06 -3.91
C GLY A 262 -15.40 2.94 -3.01
N LYS A 263 -16.71 2.80 -2.96
CA LYS A 263 -17.56 3.65 -2.16
C LYS A 263 -17.41 3.32 -0.69
N ASN A 264 -17.46 2.01 -0.34
CA ASN A 264 -17.31 1.54 1.02
C ASN A 264 -16.23 0.50 1.10
N TRP A 265 -15.57 0.42 2.26
CA TRP A 265 -14.44 -0.43 2.49
C TRP A 265 -14.64 -1.24 3.77
N THR A 266 -14.01 -2.42 3.76
CA THR A 266 -13.96 -3.33 4.90
C THR A 266 -12.54 -3.81 5.08
N ILE A 267 -12.10 -4.02 6.33
CA ILE A 267 -10.81 -4.71 6.56
C ILE A 267 -11.09 -6.16 6.85
N GLY A 268 -10.38 -7.07 6.20
CA GLY A 268 -10.45 -8.46 6.52
C GLY A 268 -9.61 -8.84 7.72
N GLU A 269 -9.71 -10.12 8.11
CA GLU A 269 -8.82 -10.64 9.14
C GLU A 269 -7.37 -10.63 8.61
N SER A 270 -6.44 -10.67 9.54
CA SER A 270 -5.06 -10.92 9.19
C SER A 270 -4.81 -12.42 9.00
N PRO A 271 -3.78 -12.79 8.25
CA PRO A 271 -3.28 -14.17 8.35
C PRO A 271 -2.79 -14.51 9.74
N ASN A 272 -2.49 -13.53 10.60
CA ASN A 272 -2.15 -13.82 11.97
C ASN A 272 -3.35 -14.15 12.87
N ASP A 273 -4.58 -13.96 12.39
CA ASP A 273 -5.75 -14.27 13.20
C ASP A 273 -6.04 -15.77 13.10
N ASN A 274 -5.94 -16.44 14.25
CA ASN A 274 -6.10 -17.90 14.30
C ASN A 274 -5.03 -18.58 13.44
N ARG A 275 -3.86 -17.97 13.33
CA ARG A 275 -2.76 -18.60 12.65
C ARG A 275 -2.22 -19.77 13.48
N LYS A 276 -1.95 -20.86 12.80
CA LYS A 276 -1.30 -22.02 13.41
C LYS A 276 0.18 -21.92 13.09
N LEU A 277 0.99 -21.64 14.11
CA LEU A 277 2.45 -21.61 13.92
C LEU A 277 2.95 -23.01 13.71
N GLU A 278 4.23 -23.12 13.36
CA GLU A 278 4.82 -24.37 12.86
C GLU A 278 4.51 -25.59 13.70
N ASN A 279 4.62 -25.44 15.02
CA ASN A 279 4.37 -26.57 15.91
C ASN A 279 3.04 -26.59 16.62
N GLY A 280 2.12 -25.75 16.18
CA GLY A 280 0.71 -25.86 16.57
C GLY A 280 0.20 -24.76 17.45
N LYS A 281 1.02 -23.86 17.95
CA LYS A 281 0.53 -22.74 18.73
C LYS A 281 -0.39 -21.88 17.86
N ILE A 282 -1.52 -21.42 18.43
CA ILE A 282 -2.47 -20.57 17.73
C ILE A 282 -2.31 -19.14 18.25
N ILE A 283 -2.18 -18.19 17.34
CA ILE A 283 -2.03 -16.78 17.71
C ILE A 283 -3.22 -15.96 17.09
N ASN A 284 -3.23 -14.69 17.44
CA ASN A 284 -4.17 -13.75 16.93
C ASN A 284 -3.53 -12.39 16.79
N SER A 285 -3.91 -11.61 15.75
CA SER A 285 -3.29 -10.32 15.58
C SER A 285 -3.60 -9.36 16.71
N LYS A 286 -4.73 -9.51 17.38
CA LYS A 286 -5.10 -8.60 18.46
C LYS A 286 -4.21 -8.82 19.68
N THR A 287 -3.80 -10.05 19.93
CA THR A 287 -3.07 -10.42 21.14
C THR A 287 -1.60 -10.69 20.89
N LEU A 288 -1.16 -10.69 19.66
CA LEU A 288 0.24 -11.04 19.36
C LEU A 288 1.19 -10.20 20.21
N SER A 289 2.08 -10.91 20.93
CA SER A 289 2.96 -10.24 21.88
C SER A 289 4.42 -10.49 21.61
N ASP A 290 4.75 -11.22 20.56
CA ASP A 290 6.09 -11.62 20.20
C ASP A 290 6.45 -11.02 18.85
N ASP A 291 7.73 -10.73 18.64
CA ASP A 291 8.20 -10.20 17.39
C ASP A 291 8.26 -11.25 16.28
N ALA A 292 8.59 -12.50 16.59
CA ALA A 292 8.91 -13.42 15.53
C ALA A 292 7.79 -13.69 14.53
N PRO A 293 6.52 -13.80 14.89
CA PRO A 293 5.46 -14.09 13.90
C PRO A 293 4.94 -12.86 13.16
N GLN A 294 5.52 -11.69 13.35
CA GLN A 294 4.95 -10.49 12.72
C GLN A 294 4.92 -10.64 11.18
N LEU A 295 3.87 -10.05 10.63
CA LEU A 295 3.68 -9.98 9.17
C LEU A 295 3.40 -8.54 8.85
N THR A 296 4.09 -7.95 7.85
CA THR A 296 4.06 -6.50 7.72
C THR A 296 3.58 -6.10 6.33
N GLU A 297 4.37 -5.32 5.60
CA GLU A 297 4.01 -4.92 4.25
C GLU A 297 3.79 -6.20 3.42
N CYS A 298 2.93 -6.08 2.42
CA CYS A 298 2.50 -7.24 1.67
C CYS A 298 1.92 -6.78 0.35
N GLN A 299 1.82 -7.73 -0.58
CA GLN A 299 1.21 -7.56 -1.89
C GLN A 299 0.45 -8.83 -2.22
N VAL A 300 -0.62 -8.72 -2.97
CA VAL A 300 -1.55 -9.82 -3.19
C VAL A 300 -1.68 -10.15 -4.68
N VAL A 301 -1.83 -11.44 -4.97
CA VAL A 301 -2.12 -11.91 -6.32
C VAL A 301 -3.23 -12.94 -6.27
N GLU A 302 -3.81 -13.20 -7.45
CA GLU A 302 -4.95 -14.07 -7.60
C GLU A 302 -4.57 -15.35 -8.36
N MET A 303 -5.05 -16.48 -7.87
CA MET A 303 -4.86 -17.78 -8.55
C MET A 303 -5.95 -17.97 -9.58
N PRO A 304 -5.80 -18.97 -10.46
CA PRO A 304 -6.77 -19.12 -11.55
C PRO A 304 -8.23 -19.26 -11.15
N ASN A 305 -8.45 -19.80 -9.94
CA ASN A 305 -9.85 -19.99 -9.49
C ASN A 305 -10.36 -18.86 -8.65
N GLY A 306 -9.58 -17.80 -8.43
CA GLY A 306 -9.95 -16.69 -7.58
C GLY A 306 -9.31 -16.69 -6.19
N GLN A 307 -8.66 -17.78 -5.81
CA GLN A 307 -8.01 -17.85 -4.51
C GLN A 307 -6.98 -16.71 -4.42
N LEU A 308 -6.82 -16.08 -3.26
CA LEU A 308 -5.84 -15.03 -3.08
C LEU A 308 -4.59 -15.56 -2.37
N LYS A 309 -3.45 -15.00 -2.79
CA LYS A 309 -2.17 -15.24 -2.15
C LYS A 309 -1.58 -13.90 -1.72
N LEU A 310 -1.28 -13.80 -0.42
CA LEU A 310 -0.71 -12.61 0.19
C LEU A 310 0.74 -12.88 0.48
N PHE A 311 1.62 -12.20 -0.25
CA PHE A 311 3.07 -12.29 -0.13
C PHE A 311 3.50 -11.22 0.90
N MET A 312 4.22 -11.63 1.95
CA MET A 312 4.40 -10.76 3.10
C MET A 312 5.85 -10.64 3.54
N ARG A 313 6.24 -9.38 3.81
CA ARG A 313 7.42 -9.05 4.57
C ARG A 313 7.25 -9.59 6.00
N ASN A 314 8.35 -10.15 6.54
CA ASN A 314 8.28 -10.87 7.82
C ASN A 314 9.67 -10.97 8.38
N LEU A 315 9.81 -11.67 9.51
CA LEU A 315 11.10 -11.72 10.22
C LEU A 315 11.76 -13.09 10.10
N SER A 316 11.27 -13.97 9.24
CA SER A 316 11.87 -15.31 9.13
C SER A 316 13.10 -15.37 8.27
N GLY A 317 13.36 -14.31 7.47
CA GLY A 317 14.44 -14.33 6.48
C GLY A 317 14.02 -14.79 5.12
N TYR A 318 12.81 -15.34 4.99
CA TYR A 318 12.31 -15.90 3.75
C TYR A 318 10.90 -15.38 3.48
N LEU A 319 10.49 -15.46 2.23
CA LEU A 319 9.15 -15.08 1.84
C LEU A 319 8.13 -15.85 2.66
N ASN A 320 7.03 -15.17 3.05
CA ASN A 320 5.87 -15.81 3.65
C ASN A 320 4.67 -15.58 2.75
N ILE A 321 3.81 -16.60 2.64
CA ILE A 321 2.66 -16.56 1.74
C ILE A 321 1.42 -17.06 2.48
N ALA A 322 0.37 -16.25 2.52
CA ALA A 322 -0.93 -16.63 3.08
C ALA A 322 -1.93 -16.87 1.95
N THR A 323 -2.94 -17.65 2.28
CA THR A 323 -3.96 -18.06 1.30
C THR A 323 -5.35 -17.71 1.78
N SER A 324 -6.17 -17.11 0.92
CA SER A 324 -7.57 -16.81 1.27
C SER A 324 -8.52 -17.45 0.25
N PHE A 325 -9.52 -18.16 0.78
CA PHE A 325 -10.55 -18.78 -0.01
C PHE A 325 -11.78 -17.93 -0.19
N ASP A 326 -11.87 -16.81 0.48
CA ASP A 326 -13.09 -16.02 0.58
C ASP A 326 -12.84 -14.55 0.24
N GLY A 327 -11.93 -14.31 -0.71
CA GLY A 327 -11.77 -12.97 -1.23
C GLY A 327 -11.08 -12.01 -0.32
N GLY A 328 -10.31 -12.53 0.66
CA GLY A 328 -9.57 -11.69 1.58
C GLY A 328 -10.26 -11.44 2.92
N ALA A 329 -11.46 -12.00 3.14
CA ALA A 329 -12.10 -11.84 4.44
C ALA A 329 -11.36 -12.58 5.53
N THR A 330 -10.86 -13.77 5.24
CA THR A 330 -10.13 -14.59 6.19
C THR A 330 -9.01 -15.31 5.43
N TRP A 331 -8.09 -15.90 6.19
CA TRP A 331 -6.97 -16.64 5.62
C TRP A 331 -6.88 -18.01 6.26
N ASP A 332 -6.34 -18.96 5.48
CA ASP A 332 -6.05 -20.28 5.99
C ASP A 332 -5.04 -20.15 7.14
N GLU A 333 -5.11 -21.08 8.10
CA GLU A 333 -4.29 -21.02 9.30
C GLU A 333 -2.78 -21.18 9.05
N THR A 334 -2.37 -21.77 7.93
CA THR A 334 -0.96 -21.99 7.68
C THR A 334 -0.42 -20.90 6.78
N VAL A 335 0.60 -20.22 7.29
CA VAL A 335 1.41 -19.29 6.47
C VAL A 335 2.62 -20.07 5.98
N GLU A 336 2.78 -20.17 4.65
CA GLU A 336 3.89 -20.86 4.03
C GLU A 336 5.13 -20.02 4.14
N LYS A 337 6.27 -20.69 4.45
CA LYS A 337 7.57 -20.08 4.36
C LYS A 337 8.24 -20.67 3.14
N ASP A 338 8.50 -19.83 2.13
CA ASP A 338 9.11 -20.29 0.86
C ASP A 338 10.59 -20.04 0.94
N THR A 339 11.32 -21.10 1.28
CA THR A 339 12.76 -20.97 1.52
C THR A 339 13.56 -20.82 0.24
N ASN A 340 12.90 -20.81 -0.90
CA ASN A 340 13.56 -20.48 -2.16
C ASN A 340 13.66 -18.97 -2.42
N VAL A 341 13.07 -18.15 -1.55
CA VAL A 341 13.03 -16.71 -1.80
C VAL A 341 13.45 -16.00 -0.51
N LEU A 342 14.68 -15.48 -0.49
CA LEU A 342 15.13 -14.67 0.63
C LEU A 342 14.27 -13.42 0.75
N GLU A 343 14.09 -12.98 2.00
CA GLU A 343 13.28 -11.80 2.32
C GLU A 343 14.02 -11.09 3.42
N PRO A 344 14.79 -10.04 3.13
CA PRO A 344 15.65 -9.41 4.14
C PRO A 344 14.96 -8.42 5.05
N TYR A 345 13.66 -8.43 5.14
CA TYR A 345 12.81 -7.53 5.92
C TYR A 345 12.69 -6.21 5.15
N CYS A 346 12.07 -6.32 4.00
CA CYS A 346 11.91 -5.23 3.05
C CYS A 346 10.62 -5.43 2.26
N GLN A 347 10.05 -4.34 1.77
CA GLN A 347 8.91 -4.44 0.85
C GLN A 347 9.30 -5.27 -0.38
N LEU A 348 8.29 -5.92 -0.93
CA LEU A 348 8.41 -6.72 -2.12
C LEU A 348 7.28 -6.34 -3.10
N SER A 349 7.45 -6.71 -4.37
CA SER A 349 6.40 -6.57 -5.35
C SER A 349 6.11 -7.92 -5.98
N VAL A 350 4.85 -8.22 -6.17
CA VAL A 350 4.43 -9.39 -6.93
C VAL A 350 3.18 -8.99 -7.72
N ILE A 351 3.08 -9.48 -8.96
CA ILE A 351 1.94 -9.21 -9.83
C ILE A 351 1.57 -10.47 -10.57
N ASN A 352 0.30 -10.57 -10.94
CA ASN A 352 -0.12 -11.56 -11.91
C ASN A 352 0.44 -11.17 -13.30
N TYR A 353 0.70 -12.18 -14.12
CA TYR A 353 1.12 -11.96 -15.51
C TYR A 353 0.03 -12.55 -16.41
N SER A 354 -0.25 -11.89 -17.53
CA SER A 354 -1.44 -12.23 -18.32
C SER A 354 -1.31 -13.42 -19.24
N GLN A 355 -0.10 -13.84 -19.52
CA GLN A 355 0.17 -14.95 -20.47
C GLN A 355 0.85 -16.07 -19.74
N LYS A 356 0.55 -17.31 -20.12
CA LYS A 356 1.25 -18.45 -19.53
C LYS A 356 2.73 -18.45 -19.94
N VAL A 357 3.54 -19.03 -19.09
CA VAL A 357 4.96 -19.23 -19.31
C VAL A 357 5.19 -20.71 -19.16
N ASP A 358 5.79 -21.34 -20.20
CA ASP A 358 6.11 -22.75 -20.13
C ASP A 358 4.88 -23.58 -19.76
N GLY A 359 3.73 -23.22 -20.29
CA GLY A 359 2.52 -23.93 -20.08
C GLY A 359 1.84 -23.69 -18.74
N LYS A 360 2.29 -22.75 -17.95
CA LYS A 360 1.76 -22.51 -16.58
C LYS A 360 1.37 -21.08 -16.40
N ASP A 361 0.33 -20.88 -15.60
CA ASP A 361 0.02 -19.53 -15.08
C ASP A 361 1.21 -19.05 -14.26
N ALA A 362 1.49 -17.74 -14.32
CA ALA A 362 2.71 -17.22 -13.75
C ALA A 362 2.46 -15.88 -13.06
N VAL A 363 3.35 -15.60 -12.12
CA VAL A 363 3.48 -14.32 -11.47
C VAL A 363 4.91 -13.77 -11.69
N ILE A 364 5.04 -12.46 -11.54
CA ILE A 364 6.33 -11.78 -11.61
C ILE A 364 6.59 -11.22 -10.20
N PHE A 365 7.81 -11.35 -9.71
CA PHE A 365 8.17 -10.99 -8.35
C PHE A 365 9.44 -10.18 -8.35
N SER A 366 9.55 -9.19 -7.45
CA SER A 366 10.74 -8.37 -7.31
C SER A 366 11.01 -8.12 -5.84
N ASN A 367 12.26 -8.31 -5.44
CA ASN A 367 12.72 -7.91 -4.11
C ASN A 367 14.24 -7.97 -4.08
N PRO A 368 14.85 -7.60 -2.96
CA PRO A 368 16.31 -7.78 -2.80
C PRO A 368 16.58 -9.23 -2.41
N ASN A 369 17.27 -9.98 -3.28
CA ASN A 369 17.55 -11.38 -3.04
C ASN A 369 18.84 -11.54 -2.24
N ALA A 370 18.73 -11.24 -0.95
CA ALA A 370 19.91 -11.23 -0.09
C ALA A 370 19.40 -11.18 1.35
N ARG A 371 20.37 -11.15 2.29
CA ARG A 371 20.07 -10.86 3.70
CA ARG A 371 20.06 -10.88 3.70
C ARG A 371 20.18 -9.38 4.02
N SER A 372 20.31 -8.55 3.02
CA SER A 372 20.36 -7.11 3.09
C SER A 372 19.62 -6.56 1.88
N ARG A 373 19.52 -5.24 1.80
CA ARG A 373 18.79 -4.58 0.72
C ARG A 373 19.75 -4.41 -0.45
N SER A 374 19.93 -5.49 -1.19
CA SER A 374 20.88 -5.56 -2.31
C SER A 374 20.46 -6.71 -3.22
N ASN A 375 21.20 -6.81 -4.35
CA ASN A 375 21.03 -7.95 -5.25
C ASN A 375 19.59 -8.00 -5.77
N GLY A 376 19.12 -6.88 -6.31
CA GLY A 376 17.73 -6.76 -6.73
C GLY A 376 17.42 -7.72 -7.88
N THR A 377 16.42 -8.57 -7.70
CA THR A 377 16.16 -9.70 -8.54
C THR A 377 14.71 -9.78 -8.93
N VAL A 378 14.45 -9.97 -10.21
CA VAL A 378 13.11 -10.18 -10.74
C VAL A 378 12.96 -11.63 -11.10
N ARG A 379 11.88 -12.24 -10.67
CA ARG A 379 11.60 -13.66 -10.81
C ARG A 379 10.30 -13.90 -11.53
N ILE A 380 10.26 -15.03 -12.24
CA ILE A 380 9.01 -15.57 -12.78
C ILE A 380 8.69 -16.82 -11.99
N GLY A 381 7.54 -16.80 -11.31
CA GLY A 381 7.06 -17.91 -10.56
C GLY A 381 5.90 -18.61 -11.27
N LEU A 382 6.09 -19.91 -11.54
CA LEU A 382 5.08 -20.70 -12.20
C LEU A 382 4.16 -21.31 -11.12
N ILE A 383 2.89 -21.15 -11.30
CA ILE A 383 1.90 -21.65 -10.34
C ILE A 383 1.68 -23.13 -10.60
N ASN A 384 1.80 -23.94 -9.56
CA ASN A 384 1.51 -25.38 -9.62
C ASN A 384 0.52 -25.73 -8.51
N GLN A 385 -0.49 -26.49 -8.89
CA GLN A 385 -1.33 -27.11 -7.85
C GLN A 385 -0.59 -28.30 -7.31
N VAL A 386 -0.42 -28.35 -6.00
CA VAL A 386 0.36 -29.38 -5.29
C VAL A 386 -0.49 -30.32 -4.51
N GLY A 387 -1.77 -30.18 -4.48
CA GLY A 387 -2.75 -31.02 -3.77
C GLY A 387 -3.99 -30.17 -3.46
N THR A 388 -4.62 -30.57 -2.35
CA THR A 388 -5.81 -29.89 -1.92
C THR A 388 -5.76 -29.73 -0.41
N TYR A 389 -6.50 -28.75 0.09
CA TYR A 389 -6.69 -28.61 1.54
C TYR A 389 -7.77 -29.60 2.00
N GLU A 390 -7.92 -29.70 3.30
CA GLU A 390 -8.90 -30.59 3.88
C GLU A 390 -10.31 -30.21 3.37
N ASN A 391 -10.59 -28.94 3.10
CA ASN A 391 -11.87 -28.45 2.67
C ASN A 391 -12.06 -28.66 1.15
N GLY A 392 -11.12 -29.29 0.48
CA GLY A 392 -11.25 -29.57 -0.93
C GLY A 392 -10.76 -28.48 -1.87
N GLU A 393 -10.34 -27.34 -1.31
CA GLU A 393 -9.87 -26.24 -2.17
C GLU A 393 -8.50 -26.62 -2.72
N PRO A 394 -8.18 -26.13 -3.91
CA PRO A 394 -6.83 -26.38 -4.48
C PRO A 394 -5.75 -25.72 -3.61
N LYS A 395 -4.61 -26.40 -3.53
CA LYS A 395 -3.41 -25.88 -2.86
C LYS A 395 -2.38 -25.58 -3.91
N TYR A 396 -1.94 -24.33 -3.96
CA TYR A 396 -1.00 -23.83 -4.95
C TYR A 396 0.30 -23.40 -4.31
N GLU A 397 1.42 -23.73 -4.97
CA GLU A 397 2.75 -23.26 -4.64
C GLU A 397 3.41 -22.77 -5.94
N PHE A 398 4.57 -22.13 -5.74
CA PHE A 398 5.25 -21.45 -6.84
C PHE A 398 6.56 -22.14 -7.17
N ASP A 399 6.83 -22.29 -8.44
CA ASP A 399 8.13 -22.76 -8.93
C ASP A 399 8.85 -21.52 -9.47
N TRP A 400 9.86 -21.05 -8.71
CA TRP A 400 10.62 -19.86 -9.09
C TRP A 400 11.67 -20.29 -10.10
N LYS A 401 11.20 -20.46 -11.33
CA LYS A 401 11.97 -21.09 -12.38
C LYS A 401 13.01 -20.15 -13.00
N TYR A 402 12.65 -18.88 -13.10
CA TYR A 402 13.51 -17.87 -13.72
C TYR A 402 13.76 -16.79 -12.69
N ASN A 403 15.04 -16.45 -12.48
CA ASN A 403 15.44 -15.53 -11.45
C ASN A 403 16.56 -14.67 -12.04
N LYS A 404 16.37 -13.39 -12.22
CA LYS A 404 17.31 -12.54 -12.91
C LYS A 404 17.75 -11.38 -12.04
N LEU A 405 19.05 -11.25 -11.84
CA LEU A 405 19.64 -10.07 -11.17
C LEU A 405 19.49 -8.87 -12.10
N VAL A 406 18.78 -7.83 -11.65
CA VAL A 406 18.57 -6.61 -12.40
C VAL A 406 19.32 -5.43 -11.79
N LYS A 407 19.66 -5.46 -10.50
CA LYS A 407 20.30 -4.31 -9.84
C LYS A 407 21.33 -4.82 -8.83
N PRO A 408 22.60 -4.87 -9.25
CA PRO A 408 23.68 -5.08 -8.32
C PRO A 408 23.77 -3.92 -7.35
N GLY A 409 24.17 -4.20 -6.12
CA GLY A 409 24.27 -3.16 -5.11
C GLY A 409 22.91 -2.85 -4.51
N TYR A 410 22.71 -1.60 -4.10
CA TYR A 410 21.55 -1.27 -3.29
C TYR A 410 20.26 -1.56 -4.02
N TYR A 411 19.30 -2.15 -3.31
CA TYR A 411 17.96 -2.39 -3.86
C TYR A 411 17.04 -2.52 -2.68
N ALA A 412 16.02 -1.66 -2.63
CA ALA A 412 15.07 -1.71 -1.52
C ALA A 412 13.66 -1.88 -2.07
N TYR A 413 12.78 -0.90 -1.92
CA TYR A 413 11.39 -1.07 -2.31
C TYR A 413 11.26 -1.06 -3.85
N SER A 414 10.21 -1.70 -4.34
CA SER A 414 10.04 -1.78 -5.78
C SER A 414 8.58 -1.98 -6.12
N CYS A 415 8.24 -1.74 -7.40
CA CYS A 415 6.90 -2.06 -7.86
C CYS A 415 6.96 -2.41 -9.35
N LEU A 416 6.32 -3.52 -9.67
CA LEU A 416 6.19 -4.05 -11.04
C LEU A 416 4.89 -3.65 -11.68
N THR A 417 4.88 -3.66 -13.03
CA THR A 417 3.66 -3.70 -13.80
C THR A 417 3.88 -4.47 -15.08
N GLU A 418 2.86 -5.13 -15.57
CA GLU A 418 2.85 -5.61 -16.95
C GLU A 418 2.51 -4.43 -17.86
N LEU A 419 3.20 -4.37 -19.00
CA LEU A 419 3.04 -3.35 -20.02
C LEU A 419 2.10 -3.85 -21.12
N SER A 420 1.66 -2.94 -21.98
CA SER A 420 0.75 -3.29 -23.07
C SER A 420 1.37 -4.26 -24.05
N ASN A 421 2.69 -4.24 -24.20
CA ASN A 421 3.42 -5.11 -25.15
C ASN A 421 3.76 -6.49 -24.51
N GLY A 422 3.26 -6.76 -23.28
CA GLY A 422 3.54 -8.00 -22.57
C GLY A 422 4.87 -7.98 -21.84
N ASN A 423 5.62 -6.88 -21.93
CA ASN A 423 6.84 -6.72 -21.18
C ASN A 423 6.52 -6.28 -19.76
N ILE A 424 7.59 -6.09 -18.97
CA ILE A 424 7.51 -5.77 -17.54
C ILE A 424 8.16 -4.45 -17.29
N GLY A 425 7.45 -3.52 -16.64
CA GLY A 425 8.02 -2.30 -16.13
C GLY A 425 8.30 -2.45 -14.64
N LEU A 426 9.35 -1.74 -14.19
CA LEU A 426 9.80 -1.85 -12.80
C LEU A 426 10.29 -0.49 -12.37
N LEU A 427 9.77 -0.01 -11.22
CA LEU A 427 10.25 1.21 -10.58
C LEU A 427 10.85 0.78 -9.24
N TYR A 428 12.11 1.10 -9.00
CA TYR A 428 12.80 0.56 -7.82
C TYR A 428 13.69 1.61 -7.16
N GLU A 429 13.84 1.38 -5.85
CA GLU A 429 14.76 2.17 -5.02
C GLU A 429 16.20 1.58 -5.21
N GLY A 430 16.92 2.10 -6.17
CA GLY A 430 18.30 1.75 -6.37
C GLY A 430 19.26 2.66 -5.64
N THR A 431 18.73 3.65 -4.96
CA THR A 431 19.41 4.48 -3.98
C THR A 431 18.49 4.54 -2.77
N PRO A 432 19.01 4.89 -1.59
CA PRO A 432 18.10 4.90 -0.43
C PRO A 432 16.96 5.87 -0.54
N SER A 433 17.20 7.08 -1.04
CA SER A 433 16.13 8.11 -1.02
C SER A 433 16.36 9.22 -2.02
N GLU A 434 17.07 8.93 -3.11
CA GLU A 434 17.40 9.96 -4.08
C GLU A 434 16.83 9.59 -5.45
N GLU A 435 17.61 9.01 -6.34
CA GLU A 435 17.09 8.54 -7.62
C GLU A 435 16.27 7.28 -7.46
N MET A 436 15.09 7.27 -8.06
CA MET A 436 14.18 6.15 -8.18
C MET A 436 14.22 5.75 -9.65
N SER A 437 14.54 4.50 -9.96
CA SER A 437 14.84 4.07 -11.30
C SER A 437 13.73 3.26 -11.94
N TYR A 438 13.47 3.56 -13.23
CA TYR A 438 12.49 2.83 -14.04
C TYR A 438 13.23 2.07 -15.15
N ILE A 439 12.88 0.80 -15.34
CA ILE A 439 13.33 0.00 -16.44
C ILE A 439 12.16 -0.79 -17.04
N GLU A 440 12.33 -1.17 -18.30
CA GLU A 440 11.49 -2.13 -19.00
C GLU A 440 12.33 -3.34 -19.32
N MET A 441 11.73 -4.52 -19.11
CA MET A 441 12.36 -5.79 -19.39
C MET A 441 11.40 -6.66 -20.16
N ASN A 442 11.91 -7.51 -21.07
CA ASN A 442 11.04 -8.48 -21.67
C ASN A 442 11.34 -9.85 -21.10
N LEU A 443 10.47 -10.80 -21.43
CA LEU A 443 10.58 -12.13 -20.90
C LEU A 443 11.81 -12.83 -21.53
N LYS A 444 12.16 -12.51 -22.76
CA LYS A 444 13.39 -13.09 -23.32
C LYS A 444 14.54 -12.77 -22.39
N TYR A 445 14.67 -11.53 -21.92
CA TYR A 445 15.68 -11.14 -20.94
C TYR A 445 15.52 -11.88 -19.65
N LEU A 446 14.33 -11.85 -19.04
CA LEU A 446 14.14 -12.42 -17.74
C LEU A 446 14.41 -13.93 -17.73
N GLU A 447 14.20 -14.62 -18.83
CA GLU A 447 14.40 -16.07 -18.92
C GLU A 447 15.75 -16.45 -19.36
N SER A 448 16.62 -15.49 -19.69
CA SER A 448 17.87 -15.83 -20.30
C SER A 448 18.85 -16.38 -19.34
N GLY A 449 18.73 -16.17 -18.04
#